data_6NY4
#
_entry.id   6NY4
#
_cell.length_a   46.950
_cell.length_b   75.530
_cell.length_c   87.790
_cell.angle_alpha   90.00
_cell.angle_beta   90.00
_cell.angle_gamma   90.00
#
_symmetry.space_group_name_H-M   'P 21 21 21'
#
loop_
_entity.id
_entity.type
_entity.pdbx_description
1 polymer 'Tyrosine-protein kinase JAK3'
2 non-polymer 4-{[(2R,3R)-1,3-dihydroxybutan-2-yl]amino}-6-phenylpyrrolo[1,2-b]pyridazine-3-carboxamide
3 water water
#
_entity_poly.entity_id   1
_entity_poly.type   'polypeptide(L)'
_entity_poly.pdbx_seq_one_letter_code
;GPASQDPTIFEERHLKYISQLGKGNFGSVELCRYDPLGDNTGALVAVKQLQHSGPDQQRDFQREIQILKALHSDFIVKYR
GVSYGPGRQSLRLVMEYLPSGCLRDFLQRHRARLDASRLLLYSSQICKGMEYLGSRRCVHRDLAARNILVESEAHVKIAD
FGLAKLLPLDKDYYVVREPGQSPIFWYAPESLSDNIFSRQSDVWSFGVVLYELFTYCDKSCSPSAEFLRMMGSERDVPAL
SRLLELLEEGQRLPAPPACPAEVHELMKLCWAPSPQDRPSFSALGPQLDMLWS
;
_entity_poly.pdbx_strand_id   A
#
loop_
_chem_comp.id
_chem_comp.type
_chem_comp.name
_chem_comp.formula
Z3A non-polymer 4-{[(2R,3R)-1,3-dihydroxybutan-2-yl]amino}-6-phenylpyrrolo[1,2-b]pyridazine-3-carboxamide 'C18 H20 N4 O3'
#
# COMPACT_ATOMS: atom_id res chain seq x y z
N THR A 8 23.28 3.62 9.20
CA THR A 8 22.26 4.60 9.61
C THR A 8 22.51 6.01 9.00
N ILE A 9 23.77 6.28 8.57
CA ILE A 9 24.21 7.53 7.91
C ILE A 9 25.02 7.13 6.66
N PHE A 10 24.50 7.52 5.51
CA PHE A 10 25.05 7.21 4.19
C PHE A 10 25.61 8.48 3.60
N GLU A 11 26.89 8.44 3.19
CA GLU A 11 27.50 9.60 2.57
C GLU A 11 27.01 9.64 1.13
N GLU A 12 26.47 10.78 0.69
CA GLU A 12 25.91 10.94 -0.66
C GLU A 12 26.87 10.60 -1.80
N ARG A 13 28.17 10.92 -1.62
CA ARG A 13 29.18 10.65 -2.62
C ARG A 13 29.36 9.15 -2.85
N HIS A 14 28.92 8.30 -1.89
CA HIS A 14 29.01 6.84 -1.93
C HIS A 14 27.75 6.17 -2.48
N LEU A 15 26.70 6.98 -2.75
CA LEU A 15 25.43 6.46 -3.27
C LEU A 15 25.38 6.58 -4.79
N LYS A 16 25.80 5.51 -5.50
CA LYS A 16 25.85 5.53 -6.97
C LYS A 16 24.51 5.24 -7.62
N TYR A 17 23.97 6.24 -8.36
CA TYR A 17 22.69 6.16 -9.06
C TYR A 17 22.68 5.09 -10.16
N ILE A 18 21.60 4.31 -10.24
CA ILE A 18 21.47 3.27 -11.27
C ILE A 18 20.24 3.52 -12.16
N SER A 19 19.06 3.68 -11.57
CA SER A 19 17.82 3.90 -12.34
C SER A 19 16.75 4.44 -11.43
N GLN A 20 15.58 4.72 -12.00
CA GLN A 20 14.44 5.19 -11.24
C GLN A 20 13.51 3.99 -10.97
N LEU A 21 12.95 3.93 -9.78
CA LEU A 21 11.93 2.94 -9.42
C LEU A 21 10.63 3.78 -9.29
N GLY A 22 10.81 4.98 -8.72
CA GLY A 22 9.88 6.07 -8.42
C GLY A 22 8.41 5.85 -8.71
N LYS A 23 8.00 6.12 -9.98
CA LYS A 23 6.62 5.99 -10.47
C LYS A 23 5.63 6.55 -9.39
N GLY A 24 5.72 7.85 -9.15
CA GLY A 24 4.92 8.55 -8.14
C GLY A 24 5.05 10.07 -8.17
N ASN A 25 4.08 10.74 -7.52
CA ASN A 25 4.01 12.20 -7.40
C ASN A 25 4.74 12.69 -6.14
N PHE A 26 5.14 13.99 -6.12
CA PHE A 26 5.85 14.73 -5.05
C PHE A 26 7.29 14.24 -4.79
N GLY A 27 7.46 12.92 -4.71
CA GLY A 27 8.75 12.28 -4.47
C GLY A 27 9.06 11.13 -5.42
N SER A 28 10.32 10.75 -5.42
CA SER A 28 10.80 9.67 -6.24
C SER A 28 11.69 8.73 -5.42
N VAL A 29 11.73 7.47 -5.85
CA VAL A 29 12.53 6.43 -5.24
C VAL A 29 13.50 5.95 -6.33
N GLU A 30 14.78 5.95 -6.01
CA GLU A 30 15.82 5.53 -6.94
C GLU A 30 16.50 4.28 -6.42
N LEU A 31 17.01 3.48 -7.36
CA LEU A 31 17.86 2.36 -7.05
C LEU A 31 19.27 2.95 -7.09
N CYS A 32 19.97 2.83 -5.98
CA CYS A 32 21.35 3.26 -5.82
C CYS A 32 22.11 2.07 -5.29
N ARG A 33 23.43 2.09 -5.49
CA ARG A 33 24.32 1.14 -4.91
C ARG A 33 25.09 1.93 -3.86
N TYR A 34 25.13 1.41 -2.63
CA TYR A 34 25.91 2.01 -1.56
C TYR A 34 27.30 1.45 -1.79
N ASP A 35 28.11 2.22 -2.47
CA ASP A 35 29.42 1.82 -2.94
C ASP A 35 30.53 2.65 -2.31
N PRO A 36 30.82 2.48 -0.98
CA PRO A 36 31.89 3.29 -0.37
C PRO A 36 33.27 3.01 -0.96
N LEU A 37 33.50 1.79 -1.51
CA LEU A 37 34.77 1.41 -2.15
C LEU A 37 34.88 1.89 -3.61
N GLY A 38 33.77 2.39 -4.18
CA GLY A 38 33.70 2.91 -5.55
C GLY A 38 34.02 1.93 -6.67
N ASP A 39 33.79 0.63 -6.42
CA ASP A 39 34.12 -0.46 -7.35
C ASP A 39 32.93 -1.30 -7.87
N ASN A 40 31.67 -0.84 -7.65
CA ASN A 40 30.43 -1.51 -8.04
C ASN A 40 30.21 -2.83 -7.32
N THR A 41 30.69 -2.95 -6.06
CA THR A 41 30.53 -4.19 -5.30
C THR A 41 29.58 -4.06 -4.10
N GLY A 42 29.27 -2.83 -3.66
CA GLY A 42 28.39 -2.58 -2.51
C GLY A 42 26.93 -3.01 -2.65
N ALA A 43 26.21 -3.07 -1.52
CA ALA A 43 24.78 -3.42 -1.49
C ALA A 43 23.92 -2.38 -2.23
N LEU A 44 22.85 -2.87 -2.86
CA LEU A 44 21.88 -2.04 -3.53
C LEU A 44 20.89 -1.53 -2.49
N VAL A 45 20.48 -0.27 -2.62
CA VAL A 45 19.51 0.36 -1.72
C VAL A 45 18.47 1.14 -2.50
N ALA A 46 17.30 1.32 -1.88
CA ALA A 46 16.21 2.13 -2.43
C ALA A 46 16.25 3.45 -1.65
N VAL A 47 16.43 4.55 -2.40
CA VAL A 47 16.63 5.89 -1.84
C VAL A 47 15.53 6.83 -2.27
N LYS A 48 14.78 7.34 -1.29
CA LYS A 48 13.68 8.26 -1.52
C LYS A 48 14.07 9.71 -1.21
N GLN A 49 13.64 10.62 -2.09
CA GLN A 49 13.84 12.07 -1.95
C GLN A 49 12.60 12.80 -2.47
N LEU A 50 12.29 13.97 -1.92
CA LEU A 50 11.18 14.77 -2.41
C LEU A 50 11.67 15.72 -3.51
N GLN A 51 11.08 15.62 -4.72
CA GLN A 51 11.47 16.48 -5.86
C GLN A 51 11.08 17.95 -5.62
N HIS A 52 10.04 18.18 -4.79
CA HIS A 52 9.55 19.50 -4.43
C HIS A 52 10.09 19.90 -3.07
N SER A 53 10.66 21.12 -3.00
CA SER A 53 11.19 21.72 -1.79
C SER A 53 10.09 22.61 -1.16
N GLY A 54 10.36 23.14 0.04
CA GLY A 54 9.41 24.00 0.73
C GLY A 54 9.10 23.64 2.17
N PRO A 55 8.36 24.51 2.90
CA PRO A 55 8.09 24.24 4.32
C PRO A 55 6.72 23.60 4.58
N ASP A 56 6.42 22.51 3.85
CA ASP A 56 5.18 21.72 3.96
C ASP A 56 5.45 20.31 3.45
N GLN A 57 6.30 20.21 2.40
CA GLN A 57 6.75 18.97 1.78
C GLN A 57 7.90 18.39 2.61
N GLN A 58 8.81 19.26 3.13
CA GLN A 58 9.92 18.86 3.99
C GLN A 58 9.41 18.34 5.33
N ARG A 59 8.23 18.85 5.77
CA ARG A 59 7.55 18.43 7.01
C ARG A 59 6.95 17.04 6.76
N ASP A 60 6.42 16.84 5.54
CA ASP A 60 5.85 15.58 5.09
C ASP A 60 6.95 14.53 4.92
N PHE A 61 8.15 14.97 4.52
CA PHE A 61 9.31 14.09 4.33
C PHE A 61 9.91 13.68 5.68
N GLN A 62 10.09 14.64 6.64
CA GLN A 62 10.60 14.30 7.98
C GLN A 62 9.64 13.33 8.70
N ARG A 63 8.32 13.54 8.54
CA ARG A 63 7.30 12.67 9.14
C ARG A 63 7.41 11.21 8.62
N GLU A 64 7.64 11.04 7.30
CA GLU A 64 7.77 9.71 6.67
C GLU A 64 9.01 9.01 7.22
N ILE A 65 10.09 9.77 7.40
CA ILE A 65 11.35 9.25 7.94
C ILE A 65 11.13 8.76 9.37
N GLN A 66 10.56 9.62 10.23
CA GLN A 66 10.26 9.34 11.64
C GLN A 66 9.34 8.12 11.80
N ILE A 67 8.27 8.02 10.98
CA ILE A 67 7.35 6.89 11.00
C ILE A 67 8.09 5.57 10.64
N LEU A 68 8.85 5.57 9.54
CA LEU A 68 9.53 4.37 9.06
C LEU A 68 10.66 3.91 9.98
N LYS A 69 11.47 4.84 10.50
CA LYS A 69 12.59 4.57 11.43
C LYS A 69 12.13 3.81 12.69
N ALA A 70 10.91 4.11 13.17
CA ALA A 70 10.29 3.54 14.38
C ALA A 70 9.46 2.26 14.10
N LEU A 71 9.45 1.79 12.85
CA LEU A 71 8.68 0.60 12.53
C LEU A 71 9.66 -0.54 12.37
N HIS A 72 9.42 -1.65 13.08
CA HIS A 72 10.27 -2.84 13.08
C HIS A 72 9.35 -4.04 12.97
N SER A 73 9.20 -4.58 11.75
CA SER A 73 8.34 -5.71 11.46
C SER A 73 8.85 -6.49 10.28
N ASP A 74 8.59 -7.80 10.22
CA ASP A 74 9.03 -8.59 9.09
C ASP A 74 8.17 -8.27 7.86
N PHE A 75 7.00 -7.64 8.08
CA PHE A 75 6.07 -7.35 7.00
C PHE A 75 6.02 -5.85 6.62
N ILE A 76 7.08 -5.10 7.00
CA ILE A 76 7.19 -3.67 6.67
C ILE A 76 8.59 -3.38 6.14
N VAL A 77 8.68 -2.72 4.96
CA VAL A 77 9.96 -2.39 4.32
C VAL A 77 10.89 -1.80 5.38
N LYS A 78 12.12 -2.30 5.41
CA LYS A 78 13.13 -1.95 6.40
C LYS A 78 13.77 -0.58 6.12
N TYR A 79 13.77 0.29 7.14
CA TYR A 79 14.47 1.57 7.14
C TYR A 79 15.96 1.24 7.33
N ARG A 80 16.87 1.85 6.56
CA ARG A 80 18.31 1.63 6.68
C ARG A 80 19.01 2.87 7.27
N GLY A 81 18.53 4.06 6.91
CA GLY A 81 19.06 5.32 7.39
C GLY A 81 18.65 6.52 6.56
N VAL A 82 19.38 7.61 6.73
CA VAL A 82 19.21 8.86 5.99
C VAL A 82 20.56 9.22 5.39
N SER A 83 20.54 10.04 4.36
CA SER A 83 21.80 10.43 3.74
C SER A 83 22.26 11.82 4.11
N TYR A 84 23.60 12.01 4.12
CA TYR A 84 24.32 13.26 4.37
C TYR A 84 25.17 13.55 3.11
N GLY A 85 25.06 14.77 2.60
CA GLY A 85 25.80 15.22 1.41
C GLY A 85 26.16 16.70 1.42
N PRO A 86 26.84 17.20 0.36
CA PRO A 86 27.19 18.65 0.34
C PRO A 86 26.00 19.60 0.30
N LEU A 91 19.34 15.72 1.94
CA LEU A 91 18.80 14.66 2.80
C LEU A 91 17.88 13.69 2.03
N ARG A 92 18.24 12.40 2.02
CA ARG A 92 17.44 11.37 1.40
C ARG A 92 17.15 10.29 2.40
N LEU A 93 16.07 9.54 2.19
CA LEU A 93 15.63 8.40 3.02
C LEU A 93 16.18 7.12 2.38
N VAL A 94 16.94 6.32 3.15
CA VAL A 94 17.59 5.10 2.67
C VAL A 94 16.88 3.88 3.28
N MET A 95 16.39 3.00 2.38
CA MET A 95 15.63 1.80 2.73
C MET A 95 16.25 0.65 1.99
N GLU A 96 15.85 -0.58 2.32
CA GLU A 96 16.29 -1.78 1.60
C GLU A 96 15.64 -1.83 0.23
N TYR A 97 16.29 -2.56 -0.70
CA TYR A 97 15.83 -2.71 -2.06
C TYR A 97 15.38 -4.16 -2.24
N LEU A 98 14.18 -4.37 -2.78
CA LEU A 98 13.62 -5.72 -2.99
C LEU A 98 13.64 -6.03 -4.48
N PRO A 99 14.64 -6.77 -5.00
CA PRO A 99 14.77 -6.91 -6.48
C PRO A 99 13.52 -7.43 -7.18
N SER A 100 12.65 -8.22 -6.48
CA SER A 100 11.39 -8.69 -7.11
C SER A 100 10.40 -7.55 -7.38
N GLY A 101 10.48 -6.44 -6.68
CA GLY A 101 9.57 -5.34 -6.98
C GLY A 101 8.17 -5.49 -6.40
N CYS A 102 7.26 -4.68 -6.92
CA CYS A 102 5.89 -4.62 -6.40
C CYS A 102 5.10 -5.88 -6.68
N LEU A 103 4.25 -6.23 -5.74
CA LEU A 103 3.34 -7.37 -5.81
C LEU A 103 2.45 -7.27 -7.06
N ARG A 104 1.99 -6.05 -7.47
CA ARG A 104 1.16 -5.91 -8.68
C ARG A 104 1.82 -6.53 -9.94
N ASP A 105 3.08 -6.22 -10.18
CA ASP A 105 3.81 -6.73 -11.34
C ASP A 105 4.21 -8.18 -11.16
N PHE A 106 4.59 -8.56 -9.92
CA PHE A 106 4.98 -9.93 -9.57
C PHE A 106 3.87 -10.90 -9.86
N LEU A 107 2.62 -10.54 -9.52
CA LEU A 107 1.45 -11.39 -9.76
C LEU A 107 1.15 -11.57 -11.23
N GLN A 108 1.46 -10.57 -12.08
CA GLN A 108 1.22 -10.69 -13.50
C GLN A 108 2.32 -11.50 -14.17
N ARG A 109 3.58 -11.42 -13.67
CA ARG A 109 4.71 -12.19 -14.23
C ARG A 109 4.65 -13.66 -13.83
N HIS A 110 4.15 -13.97 -12.61
CA HIS A 110 4.18 -15.36 -12.08
C HIS A 110 2.83 -15.97 -11.83
N ARG A 111 1.82 -15.45 -12.48
CA ARG A 111 0.43 -15.88 -12.43
C ARG A 111 0.23 -17.40 -12.32
N ALA A 112 0.81 -18.18 -13.27
CA ALA A 112 0.66 -19.64 -13.41
C ALA A 112 1.12 -20.49 -12.21
N ARG A 113 2.04 -19.98 -11.39
CA ARG A 113 2.57 -20.74 -10.25
C ARG A 113 2.04 -20.26 -8.91
N LEU A 114 1.24 -19.19 -8.91
CA LEU A 114 0.70 -18.67 -7.67
C LEU A 114 -0.73 -19.22 -7.53
N ASP A 115 -0.95 -20.17 -6.61
CA ASP A 115 -2.28 -20.73 -6.39
C ASP A 115 -2.95 -19.95 -5.27
N ALA A 116 -4.19 -20.31 -4.90
CA ALA A 116 -4.96 -19.68 -3.81
C ALA A 116 -4.28 -19.69 -2.44
N SER A 117 -3.56 -20.79 -2.07
CA SER A 117 -2.92 -20.85 -0.76
C SER A 117 -1.82 -19.81 -0.67
N ARG A 118 -1.04 -19.65 -1.74
CA ARG A 118 0.01 -18.63 -1.89
C ARG A 118 -0.59 -17.23 -1.77
N LEU A 119 -1.71 -16.96 -2.46
CA LEU A 119 -2.37 -15.65 -2.36
C LEU A 119 -2.88 -15.41 -0.95
N LEU A 120 -3.35 -16.48 -0.26
CA LEU A 120 -3.79 -16.37 1.13
C LEU A 120 -2.61 -16.13 2.05
N LEU A 121 -1.46 -16.72 1.76
CA LEU A 121 -0.25 -16.45 2.53
C LEU A 121 0.13 -14.94 2.40
N TYR A 122 0.12 -14.38 1.18
CA TYR A 122 0.42 -12.96 0.99
C TYR A 122 -0.61 -12.11 1.74
N SER A 123 -1.89 -12.50 1.65
CA SER A 123 -2.99 -11.79 2.32
C SER A 123 -2.82 -11.71 3.84
N SER A 124 -2.40 -12.84 4.44
CA SER A 124 -2.17 -13.01 5.87
C SER A 124 -0.97 -12.18 6.32
N GLN A 125 0.09 -12.17 5.51
CA GLN A 125 1.28 -11.39 5.79
C GLN A 125 0.96 -9.88 5.74
N ILE A 126 0.22 -9.42 4.71
CA ILE A 126 -0.16 -8.01 4.55
C ILE A 126 -0.98 -7.61 5.80
N CYS A 127 -1.94 -8.47 6.19
CA CYS A 127 -2.81 -8.30 7.37
C CYS A 127 -1.97 -8.16 8.66
N LYS A 128 -1.02 -9.08 8.92
CA LYS A 128 -0.16 -8.96 10.11
C LYS A 128 0.64 -7.64 10.10
N GLY A 129 1.05 -7.17 8.90
CA GLY A 129 1.75 -5.90 8.74
C GLY A 129 0.88 -4.73 9.10
N MET A 130 -0.41 -4.78 8.72
CA MET A 130 -1.39 -3.71 8.98
C MET A 130 -1.80 -3.68 10.46
N GLU A 131 -1.88 -4.86 11.09
CA GLU A 131 -2.17 -5.04 12.52
C GLU A 131 -1.04 -4.31 13.27
N TYR A 132 0.20 -4.61 12.87
CA TYR A 132 1.32 -3.90 13.46
C TYR A 132 1.19 -2.38 13.23
N LEU A 133 0.92 -1.92 11.99
CA LEU A 133 0.74 -0.48 11.70
C LEU A 133 -0.31 0.18 12.62
N GLY A 134 -1.45 -0.49 12.76
CA GLY A 134 -2.53 -0.05 13.65
C GLY A 134 -2.08 0.09 15.08
N SER A 135 -1.32 -0.91 15.59
CA SER A 135 -0.80 -0.88 16.96
C SER A 135 0.11 0.34 17.23
N ARG A 136 0.76 0.87 16.17
CA ARG A 136 1.61 2.05 16.27
C ARG A 136 0.83 3.30 15.95
N ARG A 137 -0.49 3.20 15.79
CA ARG A 137 -1.41 4.31 15.50
C ARG A 137 -1.18 4.94 14.12
N CYS A 138 -0.56 4.17 13.21
CA CYS A 138 -0.26 4.62 11.86
C CYS A 138 -1.39 4.28 10.92
N VAL A 139 -1.86 5.28 10.19
CA VAL A 139 -2.82 5.06 9.10
C VAL A 139 -1.94 5.10 7.84
N HIS A 140 -2.00 4.04 7.02
CA HIS A 140 -1.18 4.00 5.81
C HIS A 140 -1.73 4.92 4.72
N ARG A 141 -3.06 4.87 4.47
CA ARG A 141 -3.81 5.67 3.45
C ARG A 141 -3.52 5.29 2.01
N ASP A 142 -2.56 4.38 1.74
CA ASP A 142 -2.21 4.07 0.36
C ASP A 142 -1.97 2.59 0.15
N LEU A 143 -2.76 1.74 0.81
CA LEU A 143 -2.67 0.30 0.71
C LEU A 143 -3.27 -0.13 -0.65
N ALA A 144 -2.40 -0.73 -1.50
CA ALA A 144 -2.67 -1.21 -2.87
C ALA A 144 -1.50 -2.13 -3.23
N ALA A 145 -1.73 -3.09 -4.15
CA ALA A 145 -0.73 -4.08 -4.56
C ALA A 145 0.56 -3.45 -5.08
N ARG A 146 0.45 -2.25 -5.67
CA ARG A 146 1.58 -1.50 -6.22
C ARG A 146 2.48 -1.00 -5.08
N ASN A 147 1.93 -0.96 -3.84
CA ASN A 147 2.67 -0.45 -2.69
C ASN A 147 3.15 -1.53 -1.75
N ILE A 148 2.98 -2.79 -2.17
CA ILE A 148 3.42 -3.96 -1.44
C ILE A 148 4.55 -4.53 -2.29
N LEU A 149 5.67 -4.89 -1.64
CA LEU A 149 6.88 -5.43 -2.25
C LEU A 149 7.07 -6.93 -1.95
N VAL A 150 7.71 -7.62 -2.92
CA VAL A 150 8.00 -9.03 -2.81
C VAL A 150 9.44 -9.24 -2.33
N GLU A 151 9.56 -9.74 -1.10
CA GLU A 151 10.84 -10.03 -0.44
C GLU A 151 11.41 -11.34 -0.99
N SER A 152 10.54 -12.33 -1.22
CA SER A 152 10.84 -13.65 -1.79
C SER A 152 9.50 -14.31 -2.11
N GLU A 153 9.55 -15.48 -2.71
CA GLU A 153 8.44 -16.32 -3.12
C GLU A 153 7.35 -16.42 -2.08
N ALA A 154 7.72 -16.58 -0.80
CA ALA A 154 6.74 -16.74 0.28
C ALA A 154 6.76 -15.59 1.29
N HIS A 155 7.16 -14.38 0.86
CA HIS A 155 7.25 -13.27 1.81
C HIS A 155 7.00 -11.92 1.15
N VAL A 156 6.06 -11.15 1.72
CA VAL A 156 5.75 -9.79 1.23
C VAL A 156 5.89 -8.78 2.34
N LYS A 157 6.08 -7.51 1.99
CA LYS A 157 6.24 -6.38 2.91
C LYS A 157 5.50 -5.17 2.36
N ILE A 158 4.93 -4.37 3.28
CA ILE A 158 4.23 -3.12 3.01
C ILE A 158 5.24 -1.99 2.82
N ALA A 159 5.08 -1.19 1.77
CA ALA A 159 5.96 -0.06 1.52
C ALA A 159 5.14 1.20 1.27
N ASP A 160 5.79 2.26 0.73
CA ASP A 160 5.29 3.59 0.42
C ASP A 160 4.51 4.24 1.58
N PHE A 161 5.28 4.89 2.48
CA PHE A 161 4.75 5.55 3.66
C PHE A 161 4.63 7.07 3.47
N GLY A 162 4.57 7.52 2.21
CA GLY A 162 4.49 8.93 1.85
C GLY A 162 3.23 9.67 2.29
N LEU A 163 2.13 8.93 2.51
CA LEU A 163 0.83 9.48 2.91
C LEU A 163 0.46 9.05 4.32
N ALA A 164 1.34 8.25 4.98
CA ALA A 164 1.12 7.74 6.33
C ALA A 164 1.04 8.86 7.37
N LYS A 165 0.08 8.73 8.28
CA LYS A 165 -0.14 9.69 9.36
C LYS A 165 -0.30 8.97 10.68
N LEU A 166 0.22 9.59 11.74
CA LEU A 166 0.09 9.07 13.09
C LEU A 166 -1.17 9.63 13.74
N LEU A 167 -1.98 8.73 14.27
CA LEU A 167 -3.22 9.11 14.92
C LEU A 167 -2.92 9.65 16.31
N PRO A 168 -3.34 10.89 16.65
CA PRO A 168 -3.16 11.37 18.05
C PRO A 168 -3.81 10.39 19.03
N LEU A 169 -3.31 10.37 20.27
CA LEU A 169 -3.77 9.47 21.35
C LEU A 169 -5.24 9.49 21.65
N ASP A 170 -5.89 10.66 21.50
CA ASP A 170 -7.29 10.84 21.83
C ASP A 170 -8.26 10.72 20.65
N LYS A 171 -7.75 10.34 19.45
CA LYS A 171 -8.53 10.23 18.20
C LYS A 171 -8.25 8.94 17.47
N ASP A 172 -9.30 8.35 16.85
CA ASP A 172 -9.18 7.11 16.08
C ASP A 172 -9.22 7.35 14.58
N TYR A 173 -9.42 8.59 14.18
CA TYR A 173 -9.50 9.03 12.79
C TYR A 173 -8.70 10.31 12.60
N TYR A 174 -8.52 10.69 11.33
CA TYR A 174 -7.78 11.86 10.88
C TYR A 174 -8.55 12.43 9.69
N VAL A 175 -8.58 13.76 9.57
CA VAL A 175 -9.21 14.43 8.44
C VAL A 175 -8.07 15.10 7.64
N VAL A 176 -7.91 14.70 6.35
CA VAL A 176 -6.84 15.25 5.50
C VAL A 176 -7.29 16.55 4.83
N GLN A 181 -5.42 12.18 -4.04
CA GLN A 181 -4.61 12.16 -5.27
C GLN A 181 -4.25 10.74 -5.81
N SER A 182 -4.70 9.68 -5.12
CA SER A 182 -4.45 8.29 -5.55
C SER A 182 -5.70 7.81 -6.35
N PRO A 183 -5.62 6.75 -7.20
CA PRO A 183 -6.85 6.26 -7.86
C PRO A 183 -7.96 6.06 -6.82
N ILE A 184 -9.15 6.64 -7.10
CA ILE A 184 -10.29 6.71 -6.16
C ILE A 184 -10.87 5.35 -5.77
N PHE A 185 -10.55 4.31 -6.53
CA PHE A 185 -11.08 2.96 -6.37
C PHE A 185 -10.53 2.19 -5.16
N TRP A 186 -9.68 2.80 -4.35
CA TRP A 186 -9.14 2.14 -3.14
C TRP A 186 -9.65 2.83 -1.88
N TYR A 187 -10.30 4.01 -2.02
CA TYR A 187 -10.78 4.77 -0.88
C TYR A 187 -12.10 4.23 -0.30
N ALA A 188 -12.28 4.47 0.98
CA ALA A 188 -13.49 4.12 1.71
C ALA A 188 -14.56 5.22 1.43
N PRO A 189 -15.87 4.90 1.49
CA PRO A 189 -16.91 5.93 1.24
C PRO A 189 -16.67 7.20 2.02
N GLU A 190 -16.36 7.08 3.35
CA GLU A 190 -16.11 8.22 4.24
C GLU A 190 -14.89 9.04 3.81
N SER A 191 -13.91 8.41 3.13
CA SER A 191 -12.76 9.16 2.63
C SER A 191 -13.17 9.88 1.34
N LEU A 192 -13.98 9.21 0.49
CA LEU A 192 -14.50 9.81 -0.75
C LEU A 192 -15.40 11.02 -0.44
N SER A 193 -16.31 10.88 0.56
CA SER A 193 -17.25 11.94 0.95
C SER A 193 -16.68 13.05 1.84
N ASP A 194 -16.00 12.71 2.97
CA ASP A 194 -15.52 13.73 3.92
C ASP A 194 -14.00 13.79 4.16
N ASN A 195 -13.19 13.05 3.40
CA ASN A 195 -11.73 13.00 3.54
C ASN A 195 -11.29 12.54 4.96
N ILE A 196 -12.07 11.59 5.53
CA ILE A 196 -11.85 10.98 6.84
C ILE A 196 -11.05 9.70 6.64
N PHE A 197 -9.93 9.58 7.33
CA PHE A 197 -9.04 8.44 7.23
C PHE A 197 -8.80 7.83 8.59
N SER A 198 -8.77 6.48 8.66
CA SER A 198 -8.59 5.76 9.93
C SER A 198 -8.04 4.35 9.64
N ARG A 199 -7.88 3.53 10.68
CA ARG A 199 -7.48 2.13 10.52
C ARG A 199 -8.58 1.35 9.75
N GLN A 200 -9.86 1.77 9.93
CA GLN A 200 -11.07 1.19 9.33
C GLN A 200 -11.12 1.53 7.84
N SER A 201 -10.58 2.67 7.43
CA SER A 201 -10.51 2.97 6.00
C SER A 201 -9.33 2.16 5.36
N ASP A 202 -8.26 1.87 6.14
CA ASP A 202 -7.16 1.00 5.69
C ASP A 202 -7.72 -0.42 5.49
N VAL A 203 -8.75 -0.80 6.29
CA VAL A 203 -9.40 -2.11 6.16
C VAL A 203 -10.15 -2.17 4.83
N TRP A 204 -10.88 -1.07 4.48
CA TRP A 204 -11.61 -0.97 3.21
C TRP A 204 -10.59 -1.21 2.07
N SER A 205 -9.47 -0.47 2.10
CA SER A 205 -8.38 -0.57 1.13
C SER A 205 -7.82 -1.99 1.02
N PHE A 206 -7.73 -2.68 2.17
CA PHE A 206 -7.28 -4.06 2.23
C PHE A 206 -8.21 -4.97 1.47
N GLY A 207 -9.53 -4.70 1.53
CA GLY A 207 -10.55 -5.45 0.79
C GLY A 207 -10.26 -5.40 -0.69
N VAL A 208 -9.79 -4.23 -1.17
CA VAL A 208 -9.44 -4.00 -2.58
C VAL A 208 -8.12 -4.74 -2.87
N VAL A 209 -7.17 -4.81 -1.89
CA VAL A 209 -5.92 -5.56 -2.05
C VAL A 209 -6.23 -7.04 -2.26
N LEU A 210 -7.17 -7.64 -1.45
CA LEU A 210 -7.62 -9.03 -1.58
C LEU A 210 -8.21 -9.24 -2.99
N TYR A 211 -9.03 -8.27 -3.47
CA TYR A 211 -9.60 -8.31 -4.83
C TYR A 211 -8.44 -8.37 -5.88
N GLU A 212 -7.42 -7.47 -5.78
CA GLU A 212 -6.23 -7.38 -6.66
C GLU A 212 -5.48 -8.70 -6.72
N LEU A 213 -5.22 -9.27 -5.53
CA LEU A 213 -4.54 -10.54 -5.38
C LEU A 213 -5.30 -11.64 -6.09
N PHE A 214 -6.66 -11.73 -5.85
CA PHE A 214 -7.41 -12.83 -6.43
C PHE A 214 -7.75 -12.64 -7.92
N THR A 215 -7.39 -11.47 -8.50
CA THR A 215 -7.46 -11.19 -9.93
C THR A 215 -6.04 -11.25 -10.54
N TYR A 216 -4.99 -11.46 -9.69
CA TYR A 216 -3.58 -11.47 -10.11
C TYR A 216 -3.23 -10.11 -10.74
N CYS A 217 -3.93 -9.01 -10.28
CA CYS A 217 -3.74 -7.63 -10.77
C CYS A 217 -3.89 -7.54 -12.29
N ASP A 218 -4.82 -8.37 -12.86
CA ASP A 218 -5.09 -8.33 -14.30
C ASP A 218 -5.71 -6.98 -14.56
N LYS A 219 -5.19 -6.29 -15.57
CA LYS A 219 -5.66 -4.93 -15.90
C LYS A 219 -7.10 -4.92 -16.40
N SER A 220 -7.55 -5.97 -17.11
CA SER A 220 -8.90 -5.99 -17.67
C SER A 220 -10.01 -6.10 -16.59
N CYS A 221 -9.74 -6.70 -15.42
CA CYS A 221 -10.74 -6.73 -14.34
C CYS A 221 -10.25 -6.01 -13.09
N SER A 222 -9.37 -5.04 -13.29
CA SER A 222 -8.77 -4.22 -12.25
C SER A 222 -9.85 -3.40 -11.56
N PRO A 223 -9.66 -2.96 -10.30
CA PRO A 223 -10.71 -2.14 -9.64
C PRO A 223 -11.18 -0.97 -10.49
N SER A 224 -10.25 -0.30 -11.22
CA SER A 224 -10.58 0.80 -12.14
C SER A 224 -11.46 0.34 -13.28
N ALA A 225 -11.00 -0.66 -14.08
CA ALA A 225 -11.78 -1.17 -15.22
C ALA A 225 -13.13 -1.66 -14.79
N GLU A 226 -13.18 -2.47 -13.73
CA GLU A 226 -14.45 -3.00 -13.29
C GLU A 226 -15.38 -1.92 -12.71
N PHE A 227 -14.90 -0.99 -11.85
CA PHE A 227 -15.76 0.09 -11.33
C PHE A 227 -16.22 1.10 -12.42
N LEU A 228 -15.32 1.55 -13.34
CA LEU A 228 -15.71 2.50 -14.40
C LEU A 228 -16.79 1.87 -15.32
N ARG A 229 -16.70 0.55 -15.53
CA ARG A 229 -17.64 -0.22 -16.34
C ARG A 229 -19.00 -0.27 -15.66
N MET A 230 -19.01 -0.39 -14.32
CA MET A 230 -20.21 -0.46 -13.48
C MET A 230 -20.84 0.93 -13.30
N MET A 231 -20.00 1.97 -13.21
CA MET A 231 -20.43 3.36 -13.03
C MET A 231 -21.11 3.85 -14.29
N GLY A 232 -20.66 3.31 -15.42
CA GLY A 232 -21.12 3.69 -16.75
C GLY A 232 -20.58 5.05 -17.09
N SER A 233 -21.49 5.98 -17.45
CA SER A 233 -21.17 7.36 -17.78
C SER A 233 -22.33 8.27 -17.36
N GLU A 234 -22.09 9.10 -16.33
CA GLU A 234 -23.06 10.05 -15.79
C GLU A 234 -23.17 11.25 -16.74
N ARG A 235 -24.37 11.86 -16.83
CA ARG A 235 -24.65 13.01 -17.71
C ARG A 235 -23.69 14.19 -17.47
N ASP A 236 -23.67 14.72 -16.23
CA ASP A 236 -22.78 15.81 -15.80
C ASP A 236 -22.20 15.58 -14.40
N VAL A 237 -22.67 14.51 -13.72
CA VAL A 237 -22.25 14.12 -12.38
C VAL A 237 -20.78 13.66 -12.41
N PRO A 238 -19.88 14.23 -11.55
CA PRO A 238 -18.47 13.80 -11.58
C PRO A 238 -18.30 12.34 -11.14
N ALA A 239 -17.26 11.67 -11.66
CA ALA A 239 -16.93 10.28 -11.41
C ALA A 239 -16.84 9.88 -9.92
N LEU A 240 -16.28 10.75 -9.04
CA LEU A 240 -16.17 10.50 -7.59
C LEU A 240 -17.57 10.34 -7.00
N SER A 241 -18.49 11.27 -7.34
CA SER A 241 -19.88 11.28 -6.88
C SER A 241 -20.59 10.01 -7.36
N ARG A 242 -20.32 9.61 -8.61
CA ARG A 242 -20.83 8.41 -9.26
C ARG A 242 -20.40 7.15 -8.48
N LEU A 243 -19.08 7.00 -8.22
CA LEU A 243 -18.53 5.88 -7.46
C LEU A 243 -19.21 5.78 -6.09
N LEU A 244 -19.34 6.93 -5.42
CA LEU A 244 -19.95 7.07 -4.11
C LEU A 244 -21.44 6.70 -4.17
N GLU A 245 -22.18 7.12 -5.23
CA GLU A 245 -23.59 6.74 -5.40
C GLU A 245 -23.70 5.22 -5.58
N LEU A 246 -22.76 4.63 -6.33
CA LEU A 246 -22.69 3.19 -6.58
C LEU A 246 -22.41 2.42 -5.27
N LEU A 247 -21.45 2.92 -4.46
CA LEU A 247 -21.08 2.33 -3.17
C LEU A 247 -22.17 2.48 -2.09
N GLU A 248 -22.83 3.66 -2.03
CA GLU A 248 -23.94 3.93 -1.10
C GLU A 248 -25.12 2.99 -1.42
N GLU A 249 -25.37 2.73 -2.72
CA GLU A 249 -26.39 1.82 -3.23
C GLU A 249 -26.11 0.34 -2.85
N GLY A 250 -24.92 0.06 -2.33
CA GLY A 250 -24.53 -1.28 -1.92
C GLY A 250 -23.81 -2.08 -2.98
N GLN A 251 -23.60 -1.45 -4.16
CA GLN A 251 -22.86 -2.09 -5.24
C GLN A 251 -21.36 -2.18 -4.90
N ARG A 252 -20.79 -3.33 -5.23
CA ARG A 252 -19.42 -3.69 -4.95
C ARG A 252 -18.76 -4.31 -6.20
N LEU A 253 -17.44 -4.48 -6.14
CA LEU A 253 -16.68 -5.14 -7.16
C LEU A 253 -17.15 -6.58 -7.13
N PRO A 254 -17.33 -7.21 -8.31
CA PRO A 254 -17.86 -8.58 -8.30
C PRO A 254 -16.79 -9.55 -7.86
N ALA A 255 -17.19 -10.72 -7.37
CA ALA A 255 -16.25 -11.78 -7.01
C ALA A 255 -15.24 -11.96 -8.16
N PRO A 256 -13.93 -11.94 -7.93
CA PRO A 256 -12.99 -12.19 -9.05
C PRO A 256 -13.25 -13.57 -9.70
N PRO A 257 -12.88 -13.80 -10.98
CA PRO A 257 -13.06 -15.15 -11.57
C PRO A 257 -12.32 -16.24 -10.77
N ALA A 258 -13.00 -17.36 -10.47
CA ALA A 258 -12.51 -18.56 -9.75
C ALA A 258 -12.16 -18.30 -8.28
N CYS A 259 -12.59 -17.15 -7.75
CA CYS A 259 -12.32 -16.74 -6.38
C CYS A 259 -13.00 -17.69 -5.39
N PRO A 260 -12.26 -18.21 -4.37
CA PRO A 260 -12.92 -19.05 -3.34
C PRO A 260 -13.96 -18.18 -2.63
N ALA A 261 -15.19 -18.69 -2.47
CA ALA A 261 -16.33 -17.98 -1.88
C ALA A 261 -16.03 -17.26 -0.56
N GLU A 262 -15.31 -17.93 0.35
CA GLU A 262 -14.94 -17.42 1.68
C GLU A 262 -14.07 -16.15 1.58
N VAL A 263 -13.17 -16.11 0.58
CA VAL A 263 -12.30 -14.96 0.33
C VAL A 263 -13.18 -13.79 -0.05
N HIS A 264 -14.10 -13.99 -1.02
CA HIS A 264 -15.05 -12.96 -1.44
C HIS A 264 -15.93 -12.46 -0.27
N GLU A 265 -16.37 -13.36 0.66
CA GLU A 265 -17.11 -12.97 1.88
C GLU A 265 -16.25 -12.06 2.76
N LEU A 266 -14.94 -12.37 2.89
CA LEU A 266 -14.00 -11.52 3.65
C LEU A 266 -13.87 -10.13 3.04
N MET A 267 -13.79 -10.04 1.69
CA MET A 267 -13.73 -8.77 0.97
C MET A 267 -14.96 -7.95 1.30
N LYS A 268 -16.15 -8.56 1.21
CA LYS A 268 -17.44 -7.90 1.47
C LYS A 268 -17.51 -7.34 2.86
N LEU A 269 -16.96 -8.06 3.88
CA LEU A 269 -16.89 -7.52 5.25
C LEU A 269 -15.97 -6.29 5.35
N CYS A 270 -14.80 -6.31 4.65
CA CYS A 270 -13.88 -5.16 4.57
C CYS A 270 -14.57 -3.98 3.96
N TRP A 271 -15.58 -4.25 3.11
CA TRP A 271 -16.36 -3.26 2.38
C TRP A 271 -17.70 -2.89 3.05
N ALA A 272 -17.85 -3.11 4.38
CA ALA A 272 -19.08 -2.75 5.14
C ALA A 272 -19.24 -1.24 5.04
N PRO A 273 -20.46 -0.74 4.70
CA PRO A 273 -20.65 0.72 4.50
C PRO A 273 -20.11 1.62 5.61
N SER A 274 -20.40 1.27 6.87
CA SER A 274 -19.96 2.06 8.02
C SER A 274 -18.63 1.54 8.56
N PRO A 275 -17.68 2.44 8.89
CA PRO A 275 -16.37 1.98 9.41
C PRO A 275 -16.42 1.03 10.61
N GLN A 276 -17.34 1.29 11.55
CA GLN A 276 -17.56 0.49 12.77
C GLN A 276 -17.88 -0.98 12.51
N ASP A 277 -18.54 -1.30 11.37
CA ASP A 277 -18.95 -2.66 11.03
C ASP A 277 -17.87 -3.49 10.34
N ARG A 278 -16.78 -2.84 9.92
CA ARG A 278 -15.68 -3.54 9.24
C ARG A 278 -14.86 -4.29 10.25
N PRO A 279 -14.42 -5.53 9.92
CA PRO A 279 -13.54 -6.25 10.85
C PRO A 279 -12.19 -5.54 11.05
N SER A 280 -11.54 -5.84 12.19
CA SER A 280 -10.24 -5.29 12.48
C SER A 280 -9.23 -6.21 11.80
N PHE A 281 -8.00 -5.71 11.63
CA PHE A 281 -6.92 -6.51 11.09
C PHE A 281 -6.65 -7.70 12.01
N SER A 282 -6.80 -7.49 13.34
CA SER A 282 -6.63 -8.55 14.33
C SER A 282 -7.67 -9.61 14.15
N ALA A 283 -8.93 -9.23 13.86
CA ALA A 283 -9.99 -10.20 13.55
C ALA A 283 -9.77 -10.93 12.18
N LEU A 284 -9.32 -10.21 11.13
CA LEU A 284 -9.05 -10.78 9.80
C LEU A 284 -7.94 -11.84 9.74
N GLY A 285 -6.85 -11.60 10.47
CA GLY A 285 -5.67 -12.47 10.52
C GLY A 285 -5.97 -13.95 10.70
N PRO A 286 -6.61 -14.36 11.84
CA PRO A 286 -6.93 -15.80 12.05
C PRO A 286 -7.81 -16.39 10.95
N GLN A 287 -8.75 -15.59 10.44
CA GLN A 287 -9.68 -15.93 9.35
C GLN A 287 -8.91 -16.26 8.06
N LEU A 288 -7.85 -15.49 7.76
CA LEU A 288 -7.03 -15.73 6.58
C LEU A 288 -6.12 -16.93 6.76
N ASP A 289 -5.59 -17.11 8.00
CA ASP A 289 -4.73 -18.24 8.38
C ASP A 289 -5.53 -19.56 8.26
N MET A 290 -6.79 -19.57 8.79
CA MET A 290 -7.69 -20.72 8.71
C MET A 290 -7.95 -21.14 7.27
N LEU A 291 -8.20 -20.17 6.36
CA LEU A 291 -8.41 -20.49 4.93
C LEU A 291 -7.15 -21.10 4.29
N TRP A 292 -5.92 -20.71 4.80
CA TRP A 292 -4.51 -21.15 4.55
C TRP A 292 -3.66 -20.11 3.80
O2 Z3A B . 10.28 1.84 -1.22
C8 Z3A B . 11.15 0.96 -1.24
N3 Z3A B . 11.94 0.72 -0.20
C2 Z3A B . 11.32 0.10 -2.47
C1 Z3A B . 12.21 -0.93 -2.39
N1 Z3A B . 12.48 -1.86 -3.32
C3 Z3A B . 10.57 0.26 -3.66
N2 Z3A B . 9.63 1.14 -3.60
C4 Z3A B . 8.67 1.39 -4.67
C6 Z3A B . 7.32 1.81 -4.08
C7 Z3A B . 6.58 0.68 -3.40
O1 Z3A B . 7.58 2.83 -3.11
C5 Z3A B . 9.19 2.49 -5.59
O Z3A B . 8.38 2.59 -6.74
C Z3A B . 10.87 -0.63 -4.74
C11 Z3A B . 10.54 -0.75 -6.09
C10 Z3A B . 11.26 -1.86 -6.65
C9 Z3A B . 12.01 -2.39 -5.63
N Z3A B . 11.79 -1.65 -4.49
C12 Z3A B . 11.20 -2.37 -8.05
C17 Z3A B . 10.37 -1.76 -8.99
C16 Z3A B . 10.29 -2.27 -10.29
C15 Z3A B . 11.03 -3.39 -10.65
C14 Z3A B . 11.87 -3.98 -9.73
C13 Z3A B . 11.96 -3.47 -8.44
#